data_7A4V
#
_entry.id   7A4V
#
_cell.length_a   50.179
_cell.length_b   51.249
_cell.length_c   118.801
_cell.angle_alpha   90.000
_cell.angle_beta   99.770
_cell.angle_gamma   90.000
#
_symmetry.space_group_name_H-M   'P 1 21 1'
#
loop_
_entity.id
_entity.type
_entity.pdbx_description
1 polymer 'Endoplasmic reticulum chaperone BiP'
2 non-polymer "ADENOSINE-5'-DIPHOSPHATE"
3 non-polymer GLYCEROL
4 non-polymer 'POTASSIUM ION'
5 water water
#
_entity_poly.entity_id   1
_entity_poly.type   'polypeptide(L)'
_entity_poly.pdbx_seq_one_letter_code
;SGTVVGIDLGTTYSCVGVFKNGRVEIIANDQGNRITPSYVAFTPEGERLIGDAAKNQLTSNPENTVFDAKRLIGRTWNDP
SVQQDIKFLPFKVVEKKTKPYIQVDIGGGQTKTFAPEEISAMVLTKMKETAEAYLGKKVTHAVVTVPAYFNDAQRQATKD
AGTIAGLNVMRIINEPTAAAIAYGLDKREGEKNILVFDLGGGAFDVSLLTIDNGVFEVVATNGDTHLGGEDFDQRVMEHF
IKLYKKKTGKDVRKDNRAVQKLRREVEKAKRALSSQHQARIEIESFFEGEDFSETLTRAKFEELNMDLFRSTMKPVQKVL
EDSDLKKSDIDEIVLVGGSTRIPKIQQLVKEFFNGKEPSRGINPDEAVAYGAAVQAGVLSGDQDTGDLVLLDVCPLTLGI
ETVGGVMTKLIPRNTVVPTKKSQIFSTASDNQPTFTIKVYEGERPLTKDNHLLGTFDLTGIPPAPRGVPQIEVTFEIDVN
GILRVTAEDKGTGNKNKITITNDQNRLTPEEIERMVNDAEKFA
;
_entity_poly.pdbx_strand_id   A
#
loop_
_chem_comp.id
_chem_comp.type
_chem_comp.name
_chem_comp.formula
ADP non-polymer ADENOSINE-5'-DIPHOSPHATE 'C10 H15 N5 O10 P2'
GOL non-polymer GLYCEROL 'C3 H8 O3'
K non-polymer 'POTASSIUM ION' 'K 1'
#
# COMPACT_ATOMS: atom_id res chain seq x y z
N GLY A 2 2.32 -14.65 -11.83
CA GLY A 2 3.57 -15.10 -11.11
C GLY A 2 3.82 -14.26 -9.86
N THR A 3 5.09 -13.92 -9.60
CA THR A 3 5.48 -12.95 -8.53
C THR A 3 5.28 -11.53 -9.08
N VAL A 4 4.57 -10.70 -8.31
CA VAL A 4 4.22 -9.30 -8.66
C VAL A 4 5.30 -8.38 -8.07
N VAL A 5 5.84 -7.46 -8.86
CA VAL A 5 6.86 -6.50 -8.34
C VAL A 5 6.17 -5.15 -8.06
N GLY A 6 6.78 -4.35 -7.20
CA GLY A 6 6.38 -2.96 -6.95
C GLY A 6 7.40 -2.03 -7.58
N ILE A 7 6.97 -1.15 -8.48
CA ILE A 7 7.91 -0.19 -9.14
C ILE A 7 7.50 1.26 -8.83
N ASP A 8 8.43 1.98 -8.23
CA ASP A 8 8.48 3.47 -8.18
C ASP A 8 9.02 3.96 -9.53
N LEU A 9 8.13 4.36 -10.43
CA LEU A 9 8.52 4.98 -11.72
C LEU A 9 8.72 6.47 -11.45
N GLY A 10 9.95 6.86 -11.15
CA GLY A 10 10.27 8.19 -10.62
C GLY A 10 10.58 9.19 -11.73
N THR A 11 10.38 10.46 -11.42
CA THR A 11 10.71 11.57 -12.32
C THR A 11 12.18 11.46 -12.72
N THR A 12 13.11 11.26 -11.77
CA THR A 12 14.57 11.21 -12.03
C THR A 12 15.14 9.81 -11.75
N TYR A 13 14.65 9.09 -10.74
CA TYR A 13 15.11 7.72 -10.39
C TYR A 13 13.91 6.78 -10.22
N SER A 14 14.07 5.55 -10.70
CA SER A 14 13.10 4.44 -10.54
C SER A 14 13.70 3.35 -9.64
N CYS A 15 12.84 2.63 -8.94
CA CYS A 15 13.22 1.66 -7.89
C CYS A 15 12.26 0.48 -7.99
N VAL A 16 12.75 -0.76 -7.90
CA VAL A 16 11.86 -1.96 -7.97
C VAL A 16 12.10 -2.78 -6.71
N GLY A 17 11.00 -3.18 -6.07
CA GLY A 17 11.03 -4.12 -4.94
C GLY A 17 10.15 -5.31 -5.19
N VAL A 18 10.31 -6.34 -4.37
CA VAL A 18 9.49 -7.58 -4.43
C VAL A 18 9.34 -8.07 -3.00
N PHE A 19 8.11 -8.42 -2.61
CA PHE A 19 7.81 -9.15 -1.37
C PHE A 19 8.12 -10.64 -1.63
N LYS A 20 9.18 -11.14 -1.01
CA LYS A 20 9.67 -12.53 -1.21
C LYS A 20 9.98 -13.13 0.17
N ASN A 21 9.36 -14.27 0.49
CA ASN A 21 9.76 -15.11 1.64
C ASN A 21 9.68 -14.27 2.93
N GLY A 22 8.63 -13.48 3.06
CA GLY A 22 8.28 -12.74 4.29
C GLY A 22 8.89 -11.35 4.37
N ARG A 23 9.66 -10.90 3.37
CA ARG A 23 10.40 -9.60 3.42
C ARG A 23 10.31 -8.87 2.08
N VAL A 24 10.31 -7.54 2.13
CA VAL A 24 10.51 -6.66 0.94
C VAL A 24 12.00 -6.66 0.62
N GLU A 25 12.35 -7.03 -0.60
CA GLU A 25 13.72 -6.84 -1.15
C GLU A 25 13.66 -5.73 -2.19
N ILE A 26 14.44 -4.68 -2.00
CA ILE A 26 14.72 -3.63 -3.03
C ILE A 26 15.87 -4.17 -3.86
N ILE A 27 15.66 -4.28 -5.16
CA ILE A 27 16.56 -5.05 -6.06
C ILE A 27 17.58 -4.11 -6.71
N ALA A 28 18.86 -4.44 -6.55
CA ALA A 28 19.99 -3.74 -7.20
C ALA A 28 20.02 -4.11 -8.68
N ASN A 29 20.28 -3.12 -9.55
CA ASN A 29 20.42 -3.27 -11.02
C ASN A 29 21.78 -3.93 -11.31
N ASP A 30 22.09 -4.13 -12.59
CA ASP A 30 23.34 -4.81 -13.01
C ASP A 30 24.56 -3.92 -12.74
N GLN A 31 24.36 -2.68 -12.28
CA GLN A 31 25.44 -1.75 -11.88
C GLN A 31 25.61 -1.81 -10.36
N GLY A 32 24.76 -2.57 -9.68
CA GLY A 32 24.77 -2.71 -8.21
C GLY A 32 24.01 -1.59 -7.52
N ASN A 33 23.21 -0.79 -8.24
CA ASN A 33 22.49 0.38 -7.68
C ASN A 33 21.04 0.00 -7.36
N ARG A 34 20.55 0.39 -6.18
CA ARG A 34 19.19 0.04 -5.72
C ARG A 34 18.16 1.02 -6.30
N ILE A 35 18.63 2.05 -7.01
CA ILE A 35 17.80 2.99 -7.81
C ILE A 35 18.44 3.12 -9.19
N THR A 36 17.62 3.42 -10.20
CA THR A 36 18.03 3.48 -11.61
C THR A 36 17.55 4.80 -12.20
N PRO A 37 18.44 5.62 -12.80
CA PRO A 37 18.02 6.85 -13.47
C PRO A 37 16.93 6.57 -14.49
N SER A 38 15.88 7.40 -14.48
CA SER A 38 14.75 7.38 -15.45
C SER A 38 15.23 8.06 -16.73
N TYR A 39 16.24 7.46 -17.37
CA TYR A 39 16.99 8.08 -18.48
C TYR A 39 17.09 7.08 -19.62
N VAL A 40 16.96 7.58 -20.85
CA VAL A 40 17.20 6.82 -22.11
C VAL A 40 18.09 7.69 -23.00
N ALA A 41 19.08 7.09 -23.65
CA ALA A 41 20.00 7.80 -24.55
C ALA A 41 20.17 6.98 -25.83
N PHE A 42 20.10 7.67 -26.98
CA PHE A 42 20.35 7.10 -28.33
C PHE A 42 21.71 7.62 -28.78
N THR A 43 22.68 6.73 -28.97
CA THR A 43 24.07 7.06 -29.40
C THR A 43 24.09 7.29 -30.91
N PRO A 44 25.07 8.07 -31.43
CA PRO A 44 25.23 8.25 -32.87
C PRO A 44 25.38 6.94 -33.69
N GLU A 45 25.94 5.87 -33.09
CA GLU A 45 26.11 4.54 -33.75
C GLU A 45 24.82 3.74 -33.70
N GLY A 46 23.75 4.26 -33.08
CA GLY A 46 22.42 3.65 -33.08
C GLY A 46 22.21 2.69 -31.92
N GLU A 47 23.04 2.75 -30.88
CA GLU A 47 22.86 1.96 -29.63
C GLU A 47 21.89 2.72 -28.71
N ARG A 48 21.10 2.00 -27.92
CA ARG A 48 20.15 2.58 -26.95
C ARG A 48 20.61 2.27 -25.53
N LEU A 49 20.80 3.30 -24.70
CA LEU A 49 21.22 3.17 -23.28
C LEU A 49 20.02 3.48 -22.39
N ILE A 50 19.88 2.73 -21.30
CA ILE A 50 18.79 2.93 -20.28
C ILE A 50 19.44 2.89 -18.89
N GLY A 51 19.01 3.81 -18.02
CA GLY A 51 19.45 3.85 -16.62
C GLY A 51 20.80 4.55 -16.47
N ASP A 52 21.68 3.95 -15.67
CA ASP A 52 22.98 4.56 -15.29
C ASP A 52 23.78 4.86 -16.55
N ALA A 53 23.82 3.93 -17.52
CA ALA A 53 24.59 4.07 -18.77
C ALA A 53 24.09 5.31 -19.56
N ALA A 54 22.78 5.58 -19.59
CA ALA A 54 22.22 6.74 -20.30
C ALA A 54 22.63 8.03 -19.57
N LYS A 55 22.50 8.05 -18.25
CA LYS A 55 22.76 9.28 -17.47
C LYS A 55 24.26 9.58 -17.42
N ASN A 56 25.11 8.55 -17.31
CA ASN A 56 26.56 8.68 -16.99
C ASN A 56 27.37 8.80 -18.29
N GLN A 57 26.70 8.56 -19.42
CA GLN A 57 27.22 8.74 -20.80
C GLN A 57 27.67 10.18 -20.99
N LEU A 58 29.00 10.40 -21.06
CA LEU A 58 29.62 11.69 -21.48
C LEU A 58 29.40 11.88 -22.98
N THR A 59 28.76 12.99 -23.39
CA THR A 59 28.50 13.36 -24.79
C THR A 59 28.57 14.90 -24.93
N SER A 60 29.05 15.38 -26.08
CA SER A 60 29.01 16.81 -26.50
C SER A 60 27.62 17.16 -27.05
N ASN A 61 26.72 16.17 -27.20
CA ASN A 61 25.33 16.32 -27.71
C ASN A 61 24.33 15.85 -26.64
N PRO A 62 23.83 16.76 -25.76
CA PRO A 62 22.79 16.43 -24.80
C PRO A 62 21.36 16.26 -25.38
N GLU A 63 21.20 16.43 -26.70
CA GLU A 63 19.87 16.54 -27.35
C GLU A 63 19.23 15.17 -27.58
N ASN A 64 20.01 14.08 -27.55
CA ASN A 64 19.48 12.70 -27.80
C ASN A 64 19.53 11.87 -26.49
N THR A 65 19.68 12.53 -25.33
CA THR A 65 19.51 11.93 -23.99
C THR A 65 18.16 12.38 -23.44
N VAL A 66 17.29 11.44 -23.09
CA VAL A 66 15.87 11.73 -22.71
C VAL A 66 15.69 11.41 -21.23
N PHE A 67 15.06 12.34 -20.51
CA PHE A 67 14.72 12.21 -19.08
C PHE A 67 13.45 13.05 -18.86
N ASP A 68 12.89 13.00 -17.66
CA ASP A 68 11.73 13.83 -17.28
C ASP A 68 10.53 13.51 -18.19
N ALA A 69 10.47 12.31 -18.79
CA ALA A 69 9.26 11.86 -19.55
C ALA A 69 8.01 11.97 -18.66
N LYS A 70 8.18 11.80 -17.34
CA LYS A 70 7.08 11.82 -16.35
C LYS A 70 6.41 13.19 -16.30
N ARG A 71 7.12 14.26 -16.63
CA ARG A 71 6.56 15.63 -16.72
C ARG A 71 5.57 15.73 -17.90
N LEU A 72 5.73 14.90 -18.93
CA LEU A 72 4.96 14.98 -20.19
C LEU A 72 3.89 13.88 -20.27
N ILE A 73 4.05 12.76 -19.54
CA ILE A 73 3.21 11.54 -19.74
C ILE A 73 1.74 11.89 -19.43
N GLY A 74 0.83 11.51 -20.34
CA GLY A 74 -0.63 11.67 -20.23
C GLY A 74 -1.12 13.09 -20.40
N ARG A 75 -0.28 13.99 -20.91
CA ARG A 75 -0.64 15.43 -21.03
C ARG A 75 -0.84 15.77 -22.51
N THR A 76 -1.59 16.85 -22.76
CA THR A 76 -1.78 17.41 -24.12
C THR A 76 -0.71 18.45 -24.37
N TRP A 77 -0.39 18.68 -25.64
CA TRP A 77 0.65 19.64 -26.05
C TRP A 77 0.41 21.01 -25.40
N ASN A 78 -0.85 21.48 -25.37
CA ASN A 78 -1.21 22.87 -24.98
C ASN A 78 -1.46 22.95 -23.46
N ASP A 79 -1.24 21.86 -22.72
CA ASP A 79 -1.17 21.91 -21.23
C ASP A 79 -0.10 22.94 -20.84
N PRO A 80 -0.43 23.99 -20.06
CA PRO A 80 0.57 24.99 -19.69
C PRO A 80 1.79 24.39 -18.98
N SER A 81 1.61 23.26 -18.30
CA SER A 81 2.73 22.52 -17.65
C SER A 81 3.73 22.09 -18.73
N VAL A 82 3.22 21.55 -19.85
CA VAL A 82 4.07 21.08 -20.98
C VAL A 82 4.76 22.29 -21.62
N GLN A 83 4.02 23.38 -21.86
CA GLN A 83 4.59 24.58 -22.54
C GLN A 83 5.71 25.17 -21.69
N GLN A 84 5.56 25.16 -20.37
CA GLN A 84 6.62 25.59 -19.41
C GLN A 84 7.82 24.64 -19.51
N ASP A 85 7.57 23.33 -19.43
CA ASP A 85 8.62 22.30 -19.25
C ASP A 85 9.52 22.23 -20.49
N ILE A 86 8.98 22.30 -21.70
CA ILE A 86 9.77 22.13 -22.96
C ILE A 86 10.85 23.24 -23.06
N LYS A 87 10.62 24.39 -22.42
CA LYS A 87 11.57 25.55 -22.45
C LYS A 87 12.96 25.12 -21.93
N PHE A 88 13.02 24.32 -20.87
CA PHE A 88 14.30 23.96 -20.20
C PHE A 88 14.79 22.57 -20.63
N LEU A 89 13.94 21.72 -21.21
CA LEU A 89 14.34 20.34 -21.62
C LEU A 89 15.27 20.45 -22.82
N PRO A 90 16.48 19.83 -22.78
CA PRO A 90 17.45 19.95 -23.87
C PRO A 90 17.16 19.13 -25.13
N PHE A 91 16.24 18.17 -25.05
CA PHE A 91 15.80 17.36 -26.21
C PHE A 91 14.57 18.03 -26.85
N LYS A 92 14.33 17.73 -28.11
CA LYS A 92 13.20 18.27 -28.91
C LYS A 92 11.90 17.60 -28.46
N VAL A 93 10.91 18.42 -28.12
CA VAL A 93 9.51 17.98 -27.90
C VAL A 93 8.67 18.67 -28.99
N VAL A 94 7.82 17.90 -29.67
CA VAL A 94 6.97 18.38 -30.79
C VAL A 94 5.53 17.94 -30.54
N GLU A 95 4.58 18.64 -31.14
CA GLU A 95 3.16 18.25 -31.15
C GLU A 95 2.87 17.33 -32.34
N LYS A 96 2.17 16.22 -32.10
CA LYS A 96 1.50 15.37 -33.13
C LYS A 96 0.09 15.08 -32.65
N LYS A 97 -0.94 15.41 -33.46
CA LYS A 97 -2.38 15.22 -33.13
C LYS A 97 -2.64 15.63 -31.67
N THR A 98 -2.13 16.81 -31.26
CA THR A 98 -2.40 17.51 -29.98
C THR A 98 -1.61 16.92 -28.79
N LYS A 99 -0.75 15.92 -29.01
CA LYS A 99 0.02 15.29 -27.90
C LYS A 99 1.50 15.58 -28.07
N PRO A 100 2.26 15.71 -26.96
CA PRO A 100 3.69 15.93 -27.01
C PRO A 100 4.42 14.62 -27.33
N TYR A 101 5.38 14.70 -28.25
CA TYR A 101 6.29 13.59 -28.63
C TYR A 101 7.73 14.07 -28.48
N ILE A 102 8.60 13.15 -28.10
CA ILE A 102 10.05 13.42 -27.91
C ILE A 102 10.75 13.01 -29.20
N GLN A 103 11.48 13.95 -29.81
CA GLN A 103 12.10 13.70 -31.14
C GLN A 103 13.61 13.54 -30.94
N VAL A 104 14.15 12.42 -31.42
CA VAL A 104 15.60 12.08 -31.28
C VAL A 104 16.13 11.56 -32.60
N ASP A 105 17.46 11.66 -32.76
CA ASP A 105 18.28 10.94 -33.75
C ASP A 105 18.64 9.58 -33.15
N ILE A 106 18.10 8.49 -33.70
CA ILE A 106 18.29 7.10 -33.16
C ILE A 106 19.55 6.47 -33.77
N GLY A 107 20.16 7.13 -34.78
CA GLY A 107 21.34 6.61 -35.51
C GLY A 107 21.46 7.22 -36.90
N GLY A 108 22.63 7.78 -37.22
CA GLY A 108 23.02 8.27 -38.57
C GLY A 108 22.05 9.31 -39.12
N GLY A 109 21.50 10.18 -38.26
CA GLY A 109 20.58 11.26 -38.64
C GLY A 109 19.15 10.79 -38.89
N GLN A 110 18.84 9.52 -38.55
CA GLN A 110 17.46 8.95 -38.66
C GLN A 110 16.63 9.43 -37.46
N THR A 111 15.63 10.27 -37.71
CA THR A 111 14.75 10.89 -36.68
C THR A 111 13.62 9.92 -36.32
N LYS A 112 13.30 9.81 -35.03
CA LYS A 112 12.10 9.10 -34.54
C LYS A 112 11.42 9.97 -33.48
N THR A 113 10.10 9.87 -33.40
CA THR A 113 9.28 10.53 -32.36
C THR A 113 8.76 9.44 -31.42
N PHE A 114 9.01 9.62 -30.12
CA PHE A 114 8.54 8.70 -29.06
C PHE A 114 7.50 9.40 -28.20
N ALA A 115 6.38 8.70 -27.96
CA ALA A 115 5.42 9.09 -26.92
C ALA A 115 6.16 9.06 -25.59
N PRO A 116 5.83 9.97 -24.64
CA PRO A 116 6.37 9.87 -23.29
C PRO A 116 6.22 8.48 -22.66
N GLU A 117 5.09 7.80 -22.89
CA GLU A 117 4.85 6.45 -22.30
C GLU A 117 5.78 5.42 -22.96
N GLU A 118 6.29 5.69 -24.17
CA GLU A 118 7.24 4.77 -24.84
C GLU A 118 8.60 4.92 -24.18
N ILE A 119 8.98 6.14 -23.79
CA ILE A 119 10.24 6.38 -23.03
C ILE A 119 10.09 5.72 -21.66
N SER A 120 8.97 5.93 -20.99
CA SER A 120 8.74 5.33 -19.66
C SER A 120 8.68 3.80 -19.79
N ALA A 121 8.18 3.27 -20.91
CA ALA A 121 8.13 1.80 -21.14
C ALA A 121 9.56 1.25 -21.15
N MET A 122 10.51 2.01 -21.68
CA MET A 122 11.92 1.59 -21.76
C MET A 122 12.52 1.57 -20.35
N VAL A 123 12.18 2.57 -19.52
CA VAL A 123 12.63 2.60 -18.11
C VAL A 123 12.02 1.41 -17.37
N LEU A 124 10.72 1.16 -17.54
CA LEU A 124 10.04 0.01 -16.86
C LEU A 124 10.61 -1.32 -17.38
N THR A 125 11.01 -1.41 -18.64
CA THR A 125 11.67 -2.63 -19.18
C THR A 125 12.94 -2.88 -18.36
N LYS A 126 13.74 -1.84 -18.16
CA LYS A 126 14.99 -1.90 -17.34
C LYS A 126 14.64 -2.37 -15.92
N MET A 127 13.59 -1.83 -15.30
CA MET A 127 13.23 -2.22 -13.91
C MET A 127 12.78 -3.70 -13.91
N LYS A 128 11.99 -4.12 -14.90
CA LYS A 128 11.52 -5.52 -15.05
C LYS A 128 12.73 -6.47 -15.11
N GLU A 129 13.72 -6.13 -15.93
CA GLU A 129 14.96 -6.94 -16.17
C GLU A 129 15.79 -7.01 -14.88
N THR A 130 15.88 -5.90 -14.15
CA THR A 130 16.56 -5.84 -12.83
C THR A 130 15.93 -6.88 -11.91
N ALA A 131 14.59 -6.93 -11.86
CA ALA A 131 13.81 -7.83 -10.99
C ALA A 131 13.98 -9.28 -11.49
N GLU A 132 14.01 -9.46 -12.81
CA GLU A 132 14.09 -10.80 -13.44
C GLU A 132 15.46 -11.42 -13.14
N ALA A 133 16.53 -10.64 -13.24
CA ALA A 133 17.92 -11.06 -12.90
C ALA A 133 17.98 -11.54 -11.45
N TYR A 134 17.35 -10.84 -10.51
CA TYR A 134 17.36 -11.20 -9.07
C TYR A 134 16.54 -12.46 -8.83
N LEU A 135 15.31 -12.52 -9.36
CA LEU A 135 14.37 -13.64 -9.10
C LEU A 135 14.74 -14.86 -9.95
N GLY A 136 15.45 -14.67 -11.06
CA GLY A 136 15.78 -15.74 -12.03
C GLY A 136 14.51 -16.34 -12.64
N LYS A 137 13.46 -15.54 -12.78
CA LYS A 137 12.19 -15.92 -13.46
C LYS A 137 11.58 -14.68 -14.10
N LYS A 138 10.67 -14.89 -15.04
CA LYS A 138 9.95 -13.84 -15.78
C LYS A 138 9.05 -13.07 -14.81
N VAL A 139 9.03 -11.75 -14.93
CA VAL A 139 8.12 -10.87 -14.15
C VAL A 139 7.04 -10.38 -15.12
N THR A 140 5.79 -10.66 -14.80
CA THR A 140 4.61 -10.42 -15.68
C THR A 140 3.69 -9.36 -15.09
N HIS A 141 3.74 -9.14 -13.78
CA HIS A 141 2.74 -8.32 -13.05
C HIS A 141 3.44 -7.29 -12.16
N ALA A 142 2.86 -6.10 -12.05
CA ALA A 142 3.45 -5.01 -11.26
C ALA A 142 2.36 -4.15 -10.65
N VAL A 143 2.70 -3.58 -9.50
CA VAL A 143 2.06 -2.37 -8.93
C VAL A 143 2.99 -1.20 -9.25
N VAL A 144 2.48 -0.16 -9.89
CA VAL A 144 3.29 1.02 -10.31
C VAL A 144 2.71 2.23 -9.60
N THR A 145 3.58 3.09 -9.06
CA THR A 145 3.15 4.30 -8.31
C THR A 145 3.12 5.51 -9.25
N VAL A 146 2.31 6.50 -8.89
CA VAL A 146 2.18 7.79 -9.61
C VAL A 146 1.96 8.85 -8.54
N PRO A 147 2.21 10.14 -8.88
CA PRO A 147 1.88 11.23 -7.94
C PRO A 147 0.37 11.25 -7.68
N ALA A 148 0.00 11.62 -6.45
CA ALA A 148 -1.41 11.69 -5.99
C ALA A 148 -2.21 12.59 -6.92
N TYR A 149 -1.60 13.64 -7.47
CA TYR A 149 -2.30 14.65 -8.32
C TYR A 149 -2.48 14.14 -9.75
N PHE A 150 -1.88 13.01 -10.13
CA PHE A 150 -2.05 12.48 -11.50
C PHE A 150 -3.53 12.25 -11.78
N ASN A 151 -3.99 12.69 -12.96
CA ASN A 151 -5.38 12.50 -13.42
C ASN A 151 -5.49 11.14 -14.11
N ASP A 152 -6.69 10.77 -14.57
CA ASP A 152 -6.98 9.46 -15.21
C ASP A 152 -6.12 9.26 -16.46
N ALA A 153 -5.94 10.29 -17.30
CA ALA A 153 -5.13 10.20 -18.54
C ALA A 153 -3.69 9.84 -18.15
N GLN A 154 -3.17 10.49 -17.10
CA GLN A 154 -1.77 10.28 -16.65
C GLN A 154 -1.64 8.86 -16.07
N ARG A 155 -2.64 8.37 -15.33
CA ARG A 155 -2.62 7.01 -14.75
C ARG A 155 -2.67 5.99 -15.90
N GLN A 156 -3.51 6.21 -16.91
CA GLN A 156 -3.68 5.28 -18.05
C GLN A 156 -2.41 5.26 -18.88
N ALA A 157 -1.77 6.41 -19.12
CA ALA A 157 -0.52 6.47 -19.92
C ALA A 157 0.60 5.73 -19.18
N THR A 158 0.59 5.77 -17.85
CA THR A 158 1.57 5.03 -17.02
C THR A 158 1.26 3.54 -17.14
N LYS A 159 0.00 3.16 -17.04
CA LYS A 159 -0.43 1.75 -17.27
C LYS A 159 0.12 1.33 -18.64
N ASP A 160 -0.08 2.16 -19.67
CA ASP A 160 0.28 1.84 -21.07
C ASP A 160 1.79 1.62 -21.17
N ALA A 161 2.58 2.44 -20.46
CA ALA A 161 4.06 2.29 -20.39
C ALA A 161 4.40 0.87 -19.90
N GLY A 162 3.74 0.45 -18.83
CA GLY A 162 3.92 -0.90 -18.26
C GLY A 162 3.51 -1.98 -19.25
N THR A 163 2.36 -1.83 -19.89
CA THR A 163 1.85 -2.80 -20.88
C THR A 163 2.91 -2.98 -21.98
N ILE A 164 3.42 -1.87 -22.52
CA ILE A 164 4.47 -1.87 -23.58
C ILE A 164 5.72 -2.60 -23.06
N ALA A 165 6.09 -2.39 -21.80
CA ALA A 165 7.26 -3.04 -21.16
C ALA A 165 6.98 -4.53 -20.85
N GLY A 166 5.77 -5.04 -21.14
CA GLY A 166 5.43 -6.46 -20.96
C GLY A 166 4.89 -6.74 -19.55
N LEU A 167 4.42 -5.71 -18.84
CA LEU A 167 3.92 -5.85 -17.46
C LEU A 167 2.40 -5.74 -17.49
N ASN A 168 1.72 -6.62 -16.78
CA ASN A 168 0.31 -6.43 -16.40
C ASN A 168 0.33 -5.52 -15.17
N VAL A 169 -0.01 -4.24 -15.34
CA VAL A 169 -0.05 -3.26 -14.23
C VAL A 169 -1.39 -3.46 -13.52
N MET A 170 -1.37 -4.24 -12.45
CA MET A 170 -2.57 -4.69 -11.71
C MET A 170 -3.21 -3.49 -11.01
N ARG A 171 -2.38 -2.59 -10.49
CA ARG A 171 -2.81 -1.39 -9.72
C ARG A 171 -1.84 -0.25 -9.98
N ILE A 172 -2.41 0.94 -10.16
CA ILE A 172 -1.70 2.24 -10.03
C ILE A 172 -2.07 2.78 -8.64
N ILE A 173 -1.09 3.04 -7.79
CA ILE A 173 -1.35 3.60 -6.44
C ILE A 173 -0.52 4.87 -6.27
N ASN A 174 -0.96 5.72 -5.38
CA ASN A 174 -0.36 7.05 -5.12
C ASN A 174 0.94 6.88 -4.36
N GLU A 175 1.95 7.65 -4.77
CA GLU A 175 3.30 7.67 -4.17
C GLU A 175 3.23 7.88 -2.66
N PRO A 176 2.53 8.91 -2.13
CA PRO A 176 2.53 9.13 -0.68
C PRO A 176 1.86 7.97 0.07
N THR A 177 0.81 7.38 -0.50
CA THR A 177 0.09 6.22 0.07
C THR A 177 1.05 5.02 0.13
N ALA A 178 1.80 4.74 -0.94
CA ALA A 178 2.83 3.67 -1.01
C ALA A 178 3.84 3.87 0.13
N ALA A 179 4.34 5.09 0.35
CA ALA A 179 5.30 5.42 1.42
C ALA A 179 4.67 5.13 2.80
N ALA A 180 3.42 5.54 3.00
CA ALA A 180 2.65 5.27 4.24
C ALA A 180 2.55 3.75 4.46
N ILE A 181 2.18 3.02 3.39
CA ILE A 181 2.07 1.53 3.43
C ILE A 181 3.43 0.93 3.81
N ALA A 182 4.53 1.41 3.22
CA ALA A 182 5.90 0.91 3.53
C ALA A 182 6.16 1.01 5.04
N TYR A 183 5.63 2.05 5.70
CA TYR A 183 5.88 2.31 7.14
C TYR A 183 4.80 1.66 8.02
N GLY A 184 3.88 0.89 7.44
CA GLY A 184 2.89 0.06 8.14
C GLY A 184 1.73 0.88 8.70
N LEU A 185 1.56 2.11 8.22
CA LEU A 185 0.61 3.09 8.81
C LEU A 185 -0.83 2.76 8.41
N ASP A 186 -1.05 1.85 7.45
CA ASP A 186 -2.39 1.34 7.09
C ASP A 186 -2.89 0.36 8.17
N LYS A 187 -1.95 -0.29 8.88
CA LYS A 187 -2.23 -1.34 9.89
C LYS A 187 -2.19 -0.71 11.29
N ARG A 188 -3.10 0.24 11.55
CA ARG A 188 -3.24 0.94 12.85
C ARG A 188 -4.68 1.38 13.04
N GLU A 189 -5.13 1.46 14.30
CA GLU A 189 -6.52 1.79 14.69
C GLU A 189 -6.66 3.31 14.81
N GLY A 190 -7.88 3.84 14.68
CA GLY A 190 -8.23 5.26 14.84
C GLY A 190 -8.08 6.02 13.53
N GLU A 191 -8.45 7.32 13.55
CA GLU A 191 -8.22 8.30 12.45
C GLU A 191 -6.86 8.99 12.66
N LYS A 192 -5.87 8.67 11.82
CA LYS A 192 -4.52 9.31 11.88
C LYS A 192 -4.33 10.25 10.68
N ASN A 193 -3.64 11.36 10.92
CA ASN A 193 -3.27 12.36 9.87
C ASN A 193 -1.78 12.15 9.56
N ILE A 194 -1.49 11.87 8.30
CA ILE A 194 -0.10 11.58 7.82
C ILE A 194 0.32 12.72 6.88
N LEU A 195 1.41 13.40 7.23
CA LEU A 195 2.06 14.39 6.35
C LEU A 195 3.20 13.66 5.64
N VAL A 196 3.09 13.54 4.32
CA VAL A 196 4.18 12.95 3.48
C VAL A 196 4.95 14.11 2.84
N PHE A 197 6.23 14.21 3.15
CA PHE A 197 7.18 15.24 2.64
C PHE A 197 8.17 14.56 1.68
N ASP A 198 7.97 14.75 0.38
CA ASP A 198 8.64 14.00 -0.70
C ASP A 198 9.49 14.99 -1.50
N LEU A 199 10.78 15.07 -1.17
CA LEU A 199 11.75 15.93 -1.89
C LEU A 199 12.69 15.01 -2.67
N GLY A 200 12.44 14.86 -3.97
CA GLY A 200 13.20 13.98 -4.86
C GLY A 200 14.24 14.76 -5.64
N GLY A 201 14.61 14.28 -6.82
CA GLY A 201 15.66 14.90 -7.67
C GLY A 201 15.12 16.07 -8.46
N GLY A 202 13.82 16.08 -8.78
CA GLY A 202 13.26 17.06 -9.74
C GLY A 202 12.08 17.84 -9.17
N ALA A 203 11.35 17.26 -8.22
CA ALA A 203 10.08 17.83 -7.75
C ALA A 203 9.94 17.62 -6.25
N PHE A 204 9.17 18.50 -5.63
CA PHE A 204 8.80 18.48 -4.19
C PHE A 204 7.30 18.29 -4.11
N ASP A 205 6.86 17.25 -3.42
CA ASP A 205 5.44 16.90 -3.23
C ASP A 205 5.15 16.75 -1.73
N VAL A 206 4.21 17.54 -1.22
CA VAL A 206 3.69 17.41 0.17
C VAL A 206 2.25 16.92 0.06
N SER A 207 1.90 15.89 0.81
CA SER A 207 0.56 15.27 0.77
C SER A 207 0.06 15.11 2.20
N LEU A 208 -1.18 15.51 2.44
CA LEU A 208 -1.86 15.19 3.71
C LEU A 208 -2.80 14.02 3.42
N LEU A 209 -2.50 12.85 4.00
CA LEU A 209 -3.33 11.63 3.92
C LEU A 209 -4.02 11.44 5.27
N THR A 210 -5.24 10.94 5.25
CA THR A 210 -5.87 10.36 6.47
C THR A 210 -5.94 8.85 6.28
N ILE A 211 -5.74 8.12 7.37
CA ILE A 211 -6.01 6.66 7.47
C ILE A 211 -7.09 6.50 8.53
N ASP A 212 -8.21 5.90 8.16
CA ASP A 212 -9.40 5.69 9.04
C ASP A 212 -9.98 4.31 8.73
N ASN A 213 -9.79 3.36 9.63
CA ASN A 213 -10.49 2.04 9.59
C ASN A 213 -10.27 1.42 8.20
N GLY A 214 -9.01 1.41 7.74
CA GLY A 214 -8.60 0.72 6.50
C GLY A 214 -8.64 1.61 5.27
N VAL A 215 -9.34 2.75 5.31
CA VAL A 215 -9.50 3.65 4.12
C VAL A 215 -8.44 4.77 4.20
N PHE A 216 -7.66 4.92 3.13
CA PHE A 216 -6.76 6.07 2.86
C PHE A 216 -7.50 7.14 2.08
N GLU A 217 -7.38 8.40 2.48
CA GLU A 217 -7.84 9.55 1.67
C GLU A 217 -6.67 10.52 1.51
N VAL A 218 -6.38 10.94 0.28
CA VAL A 218 -5.50 12.11 0.00
C VAL A 218 -6.37 13.35 0.17
N VAL A 219 -6.16 14.11 1.24
CA VAL A 219 -7.03 15.26 1.62
C VAL A 219 -6.56 16.49 0.86
N ALA A 220 -5.25 16.74 0.82
CA ALA A 220 -4.66 17.93 0.17
C ALA A 220 -3.26 17.60 -0.34
N THR A 221 -2.87 18.25 -1.43
CA THR A 221 -1.51 18.14 -1.99
C THR A 221 -1.00 19.54 -2.33
N ASN A 222 0.31 19.70 -2.27
CA ASN A 222 1.01 20.94 -2.66
C ASN A 222 2.47 20.56 -2.87
N GLY A 223 3.32 21.56 -3.09
CA GLY A 223 4.75 21.34 -3.32
C GLY A 223 5.22 22.27 -4.40
N ASP A 224 6.25 21.86 -5.13
CA ASP A 224 6.87 22.66 -6.20
C ASP A 224 7.39 21.66 -7.23
N THR A 225 6.88 21.72 -8.46
CA THR A 225 7.17 20.76 -9.55
C THR A 225 8.60 20.94 -10.07
N HIS A 226 9.26 22.04 -9.74
CA HIS A 226 10.63 22.38 -10.21
C HIS A 226 11.54 22.70 -9.01
N LEU A 227 11.41 21.95 -7.93
CA LEU A 227 12.31 22.05 -6.76
C LEU A 227 12.69 20.63 -6.34
N GLY A 228 13.94 20.24 -6.56
CA GLY A 228 14.50 18.97 -6.11
C GLY A 228 16.02 19.00 -5.99
N GLY A 229 16.61 17.84 -5.69
CA GLY A 229 18.05 17.66 -5.50
C GLY A 229 18.87 18.22 -6.64
N GLU A 230 18.38 18.15 -7.88
CA GLU A 230 19.07 18.67 -9.09
C GLU A 230 19.20 20.20 -9.03
N ASP A 231 18.28 20.90 -8.39
CA ASP A 231 18.39 22.37 -8.20
C ASP A 231 19.51 22.65 -7.20
N PHE A 232 19.67 21.84 -6.15
CA PHE A 232 20.77 21.99 -5.16
C PHE A 232 22.11 21.74 -5.87
N ASP A 233 22.17 20.69 -6.69
CA ASP A 233 23.38 20.36 -7.51
C ASP A 233 23.74 21.59 -8.35
N GLN A 234 22.73 22.22 -8.97
CA GLN A 234 22.93 23.33 -9.92
C GLN A 234 23.54 24.55 -9.21
N ARG A 235 23.18 24.79 -7.94
CA ARG A 235 23.75 25.89 -7.12
C ARG A 235 25.24 25.62 -6.86
N VAL A 236 25.58 24.37 -6.52
CA VAL A 236 26.98 23.94 -6.28
C VAL A 236 27.75 24.06 -7.61
N MET A 237 27.11 23.73 -8.72
CA MET A 237 27.69 23.77 -10.09
C MET A 237 28.06 25.20 -10.46
N GLU A 238 27.11 26.15 -10.39
CA GLU A 238 27.33 27.59 -10.72
C GLU A 238 28.56 28.09 -9.93
N HIS A 239 28.65 27.73 -8.66
CA HIS A 239 29.71 28.14 -7.69
C HIS A 239 31.08 27.62 -8.17
N PHE A 240 31.20 26.32 -8.42
CA PHE A 240 32.48 25.66 -8.81
C PHE A 240 32.88 26.05 -10.24
N ILE A 241 31.93 26.29 -11.14
CA ILE A 241 32.23 26.78 -12.52
C ILE A 241 32.88 28.17 -12.42
N LYS A 242 32.28 29.08 -11.66
CA LYS A 242 32.81 30.43 -11.37
C LYS A 242 34.20 30.30 -10.74
N LEU A 243 34.35 29.47 -9.71
CA LEU A 243 35.62 29.30 -8.96
C LEU A 243 36.73 28.80 -9.88
N TYR A 244 36.43 27.83 -10.75
CA TYR A 244 37.40 27.23 -11.70
C TYR A 244 37.87 28.30 -12.70
N LYS A 245 36.93 29.10 -13.22
CA LYS A 245 37.18 30.23 -14.17
C LYS A 245 38.14 31.24 -13.52
N LYS A 246 37.89 31.58 -12.24
CA LYS A 246 38.69 32.56 -11.45
C LYS A 246 40.12 32.02 -11.25
N LYS A 247 40.28 30.71 -11.03
CA LYS A 247 41.54 30.08 -10.57
C LYS A 247 42.41 29.65 -11.78
N THR A 248 41.80 29.43 -12.94
CA THR A 248 42.50 28.86 -14.14
C THR A 248 42.19 29.66 -15.43
N GLY A 249 41.21 30.55 -15.42
CA GLY A 249 40.72 31.20 -16.65
C GLY A 249 39.94 30.26 -17.56
N LYS A 250 39.82 28.97 -17.20
CA LYS A 250 39.11 27.94 -18.00
C LYS A 250 37.61 27.99 -17.68
N ASP A 251 36.77 28.29 -18.69
CA ASP A 251 35.29 28.36 -18.58
C ASP A 251 34.70 27.05 -19.13
N VAL A 252 34.21 26.18 -18.24
CA VAL A 252 33.79 24.79 -18.56
C VAL A 252 32.36 24.79 -19.15
N ARG A 253 31.59 25.85 -18.94
CA ARG A 253 30.27 26.09 -19.59
C ARG A 253 30.45 26.00 -21.11
N LYS A 254 29.46 25.46 -21.83
CA LYS A 254 29.47 25.34 -23.31
C LYS A 254 30.38 24.17 -23.75
N ASP A 255 31.06 23.50 -22.81
CA ASP A 255 31.68 22.17 -23.02
C ASP A 255 30.88 21.15 -22.20
N ASN A 256 29.87 20.52 -22.80
CA ASN A 256 28.90 19.64 -22.10
C ASN A 256 29.64 18.49 -21.39
N ARG A 257 30.65 17.89 -22.03
CA ARG A 257 31.40 16.72 -21.47
C ARG A 257 31.89 17.08 -20.05
N ALA A 258 32.55 18.23 -19.91
CA ALA A 258 33.14 18.75 -18.65
C ALA A 258 32.05 19.02 -17.61
N VAL A 259 30.96 19.68 -18.01
CA VAL A 259 29.80 20.01 -17.14
C VAL A 259 29.31 18.70 -16.51
N GLN A 260 29.14 17.64 -17.31
CA GLN A 260 28.65 16.30 -16.88
C GLN A 260 29.56 15.71 -15.80
N LYS A 261 30.88 15.76 -16.01
CA LYS A 261 31.90 15.17 -15.08
C LYS A 261 31.79 15.86 -13.69
N LEU A 262 31.71 17.19 -13.69
CA LEU A 262 31.62 18.02 -12.46
C LEU A 262 30.27 17.72 -11.76
N ARG A 263 29.17 17.80 -12.51
CA ARG A 263 27.79 17.56 -12.00
C ARG A 263 27.76 16.23 -11.25
N ARG A 264 28.38 15.19 -11.82
CA ARG A 264 28.44 13.83 -11.23
C ARG A 264 29.24 13.85 -9.93
N GLU A 265 30.38 14.56 -9.89
CA GLU A 265 31.22 14.68 -8.67
C GLU A 265 30.48 15.52 -7.62
N VAL A 266 29.84 16.60 -8.04
CA VAL A 266 29.02 17.50 -7.17
C VAL A 266 27.93 16.67 -6.49
N GLU A 267 27.23 15.83 -7.25
CA GLU A 267 26.13 14.97 -6.73
C GLU A 267 26.69 14.03 -5.66
N LYS A 268 27.86 13.41 -5.86
CA LYS A 268 28.48 12.47 -4.87
C LYS A 268 28.88 13.23 -3.60
N ALA A 269 29.47 14.42 -3.76
CA ALA A 269 29.91 15.31 -2.65
C ALA A 269 28.69 15.70 -1.81
N LYS A 270 27.60 16.11 -2.47
CA LYS A 270 26.31 16.48 -1.82
C LYS A 270 25.87 15.34 -0.90
N ARG A 271 25.89 14.11 -1.42
CA ARG A 271 25.44 12.91 -0.67
C ARG A 271 26.35 12.72 0.55
N ALA A 272 27.67 12.82 0.37
CA ALA A 272 28.67 12.73 1.47
C ALA A 272 28.35 13.77 2.55
N LEU A 273 27.94 14.99 2.17
CA LEU A 273 27.68 16.10 3.13
C LEU A 273 26.41 15.85 3.94
N SER A 274 25.66 14.78 3.66
CA SER A 274 24.52 14.34 4.51
C SER A 274 25.03 13.48 5.66
N SER A 275 26.28 13.00 5.59
CA SER A 275 26.96 12.12 6.58
C SER A 275 28.14 12.83 7.27
N GLN A 276 28.79 13.79 6.59
CA GLN A 276 29.97 14.52 7.13
C GLN A 276 29.89 15.99 6.68
N HIS A 277 30.83 16.83 7.13
CA HIS A 277 30.78 18.32 7.02
C HIS A 277 31.79 18.84 6.00
N GLN A 278 32.56 17.95 5.37
CA GLN A 278 33.51 18.27 4.27
C GLN A 278 33.52 17.11 3.28
N ALA A 279 33.74 17.41 2.00
CA ALA A 279 33.84 16.43 0.89
C ALA A 279 34.80 16.96 -0.17
N ARG A 280 35.69 16.09 -0.66
CA ARG A 280 36.68 16.39 -1.70
C ARG A 280 36.04 16.11 -3.06
N ILE A 281 36.06 17.08 -3.97
CA ILE A 281 35.73 16.88 -5.41
C ILE A 281 37.06 16.93 -6.17
N GLU A 282 37.49 15.78 -6.72
CA GLU A 282 38.73 15.64 -7.51
C GLU A 282 38.41 14.96 -8.85
N ILE A 283 38.86 15.54 -9.95
CA ILE A 283 38.75 14.98 -11.33
C ILE A 283 40.13 15.09 -12.00
N GLU A 284 40.87 13.98 -12.13
CA GLU A 284 42.21 13.92 -12.78
C GLU A 284 42.05 14.27 -14.26
N SER A 285 42.80 15.26 -14.75
CA SER A 285 42.73 15.83 -16.12
C SER A 285 41.28 16.24 -16.44
N PHE A 286 40.74 17.19 -15.67
CA PHE A 286 39.33 17.66 -15.73
C PHE A 286 39.09 18.42 -17.04
N PHE A 287 40.01 19.32 -17.41
CA PHE A 287 39.84 20.26 -18.54
C PHE A 287 41.21 20.64 -19.13
N GLU A 288 41.68 19.87 -20.11
CA GLU A 288 42.93 20.12 -20.88
C GLU A 288 44.14 19.83 -20.00
N GLY A 289 44.22 18.62 -19.43
CA GLY A 289 45.34 18.14 -18.60
C GLY A 289 45.31 18.70 -17.19
N GLU A 290 44.61 19.83 -16.99
CA GLU A 290 44.36 20.46 -15.66
C GLU A 290 43.43 19.56 -14.85
N ASP A 291 43.88 19.10 -13.68
CA ASP A 291 43.05 18.39 -12.66
C ASP A 291 42.08 19.40 -12.03
N PHE A 292 40.99 18.90 -11.43
CA PHE A 292 40.07 19.66 -10.53
C PHE A 292 40.29 19.15 -9.12
N SER A 293 40.45 20.06 -8.16
CA SER A 293 40.64 19.72 -6.72
C SER A 293 40.14 20.87 -5.85
N GLU A 294 38.91 20.72 -5.35
CA GLU A 294 38.30 21.63 -4.36
C GLU A 294 37.64 20.76 -3.29
N THR A 295 37.35 21.32 -2.12
CA THR A 295 36.51 20.68 -1.10
C THR A 295 35.27 21.54 -0.88
N LEU A 296 34.16 20.92 -0.49
CA LEU A 296 32.87 21.58 -0.22
C LEU A 296 32.52 21.28 1.23
N THR A 297 32.26 22.33 2.02
CA THR A 297 31.82 22.20 3.43
C THR A 297 30.29 22.09 3.41
N ARG A 298 29.70 21.51 4.46
CA ARG A 298 28.23 21.47 4.62
C ARG A 298 27.71 22.90 4.69
N ALA A 299 28.39 23.77 5.44
CA ALA A 299 28.00 25.18 5.67
C ALA A 299 27.86 25.89 4.32
N LYS A 300 28.81 25.67 3.41
CA LYS A 300 28.81 26.31 2.06
C LYS A 300 27.69 25.69 1.21
N PHE A 301 27.52 24.37 1.27
CA PHE A 301 26.43 23.66 0.55
C PHE A 301 25.08 24.25 0.99
N GLU A 302 24.88 24.41 2.31
CA GLU A 302 23.68 24.99 2.93
C GLU A 302 23.51 26.47 2.54
N GLU A 303 24.60 27.23 2.61
CA GLU A 303 24.60 28.67 2.23
C GLU A 303 24.15 28.83 0.77
N LEU A 304 24.66 28.00 -0.14
CA LEU A 304 24.36 28.08 -1.60
C LEU A 304 22.87 27.75 -1.88
N ASN A 305 22.16 27.11 -0.95
CA ASN A 305 20.82 26.50 -1.19
C ASN A 305 19.77 26.91 -0.14
N MET A 306 20.12 27.75 0.83
CA MET A 306 19.27 28.01 2.03
C MET A 306 17.89 28.55 1.61
N ASP A 307 17.82 29.42 0.61
CA ASP A 307 16.54 29.98 0.13
C ASP A 307 15.68 28.83 -0.42
N LEU A 308 16.27 27.90 -1.18
CA LEU A 308 15.55 26.73 -1.74
C LEU A 308 15.09 25.84 -0.59
N PHE A 309 15.95 25.56 0.40
CA PHE A 309 15.61 24.71 1.57
C PHE A 309 14.44 25.33 2.34
N ARG A 310 14.49 26.64 2.61
CA ARG A 310 13.44 27.37 3.37
C ARG A 310 12.12 27.33 2.60
N SER A 311 12.14 27.36 1.27
CA SER A 311 10.95 27.43 0.40
C SER A 311 10.08 26.17 0.56
N THR A 312 10.63 25.05 1.05
CA THR A 312 9.89 23.76 1.20
C THR A 312 8.84 23.87 2.32
N MET A 313 8.94 24.84 3.23
CA MET A 313 8.02 25.00 4.39
C MET A 313 6.66 25.58 3.96
N LYS A 314 6.62 26.45 2.95
CA LYS A 314 5.37 27.14 2.50
C LYS A 314 4.36 26.11 2.01
N PRO A 315 4.70 25.20 1.07
CA PRO A 315 3.77 24.12 0.69
C PRO A 315 3.24 23.27 1.85
N VAL A 316 4.07 23.03 2.88
CA VAL A 316 3.62 22.30 4.09
C VAL A 316 2.52 23.14 4.77
N GLN A 317 2.78 24.43 4.93
CA GLN A 317 1.82 25.39 5.54
C GLN A 317 0.49 25.30 4.76
N LYS A 318 0.57 25.33 3.44
CA LYS A 318 -0.62 25.34 2.54
C LYS A 318 -1.40 24.03 2.67
N VAL A 319 -0.76 22.86 2.71
CA VAL A 319 -1.55 21.60 2.82
C VAL A 319 -2.22 21.57 4.20
N LEU A 320 -1.59 22.12 5.24
CA LEU A 320 -2.20 22.16 6.60
C LEU A 320 -3.48 23.00 6.56
N GLU A 321 -3.46 24.18 5.93
CA GLU A 321 -4.66 25.05 5.87
C GLU A 321 -5.67 24.43 4.89
N ASP A 322 -5.24 23.83 3.77
CA ASP A 322 -6.16 23.19 2.79
C ASP A 322 -6.87 21.98 3.42
N SER A 323 -6.23 21.30 4.37
CA SER A 323 -6.79 20.14 5.11
C SER A 323 -7.43 20.63 6.42
N ASP A 324 -7.34 21.92 6.70
CA ASP A 324 -7.88 22.56 7.93
C ASP A 324 -7.33 21.86 9.17
N LEU A 325 -6.02 21.64 9.23
CA LEU A 325 -5.35 20.99 10.39
C LEU A 325 -4.35 21.96 11.00
N LYS A 326 -4.09 21.81 12.30
CA LYS A 326 -2.97 22.45 13.03
C LYS A 326 -1.77 21.51 12.99
N LYS A 327 -0.55 22.05 13.10
CA LYS A 327 0.72 21.27 13.17
C LYS A 327 0.55 20.08 14.12
N SER A 328 -0.06 20.31 15.28
CA SER A 328 -0.21 19.34 16.39
C SER A 328 -1.15 18.20 15.99
N ASP A 329 -2.00 18.39 14.96
CA ASP A 329 -2.96 17.37 14.47
C ASP A 329 -2.23 16.31 13.64
N ILE A 330 -0.97 16.54 13.27
CA ILE A 330 -0.18 15.61 12.40
C ILE A 330 0.33 14.47 13.27
N ASP A 331 -0.15 13.26 13.03
CA ASP A 331 0.16 12.05 13.85
C ASP A 331 1.44 11.41 13.35
N GLU A 332 1.77 11.60 12.07
CA GLU A 332 2.87 10.87 11.40
C GLU A 332 3.49 11.78 10.33
N ILE A 333 4.81 11.95 10.38
CA ILE A 333 5.61 12.64 9.33
C ILE A 333 6.41 11.57 8.60
N VAL A 334 6.20 11.43 7.29
CA VAL A 334 6.93 10.46 6.44
C VAL A 334 7.82 11.27 5.48
N LEU A 335 9.13 11.10 5.60
CA LEU A 335 10.15 11.66 4.69
C LEU A 335 10.39 10.70 3.53
N VAL A 336 10.17 11.18 2.31
CA VAL A 336 10.32 10.40 1.05
C VAL A 336 11.29 11.21 0.18
N GLY A 337 12.10 10.52 -0.62
CA GLY A 337 13.00 11.16 -1.59
C GLY A 337 14.40 11.32 -1.02
N GLY A 338 15.40 11.12 -1.88
CA GLY A 338 16.83 11.17 -1.50
C GLY A 338 17.17 12.45 -0.78
N SER A 339 16.62 13.58 -1.23
CA SER A 339 16.95 14.93 -0.73
C SER A 339 16.55 15.10 0.74
N THR A 340 15.67 14.26 1.28
CA THR A 340 15.27 14.31 2.72
C THR A 340 16.40 13.79 3.61
N ARG A 341 17.48 13.23 3.04
CA ARG A 341 18.69 12.82 3.82
C ARG A 341 19.51 14.06 4.22
N ILE A 342 19.29 15.20 3.58
CA ILE A 342 20.01 16.47 3.90
C ILE A 342 19.63 16.91 5.32
N PRO A 343 20.60 16.95 6.26
CA PRO A 343 20.32 17.34 7.64
C PRO A 343 19.57 18.67 7.83
N LYS A 344 19.89 19.69 7.04
CA LYS A 344 19.20 21.00 7.12
C LYS A 344 17.71 20.82 6.78
N ILE A 345 17.39 19.93 5.84
CA ILE A 345 15.97 19.66 5.45
C ILE A 345 15.30 18.96 6.63
N GLN A 346 15.95 17.94 7.20
CA GLN A 346 15.38 17.22 8.38
C GLN A 346 15.16 18.19 9.54
N GLN A 347 16.13 19.09 9.78
CA GLN A 347 16.06 20.10 10.85
C GLN A 347 14.87 21.02 10.59
N LEU A 348 14.74 21.58 9.39
CA LEU A 348 13.64 22.53 9.01
C LEU A 348 12.28 21.86 9.23
N VAL A 349 12.14 20.58 8.88
CA VAL A 349 10.84 19.85 9.04
C VAL A 349 10.57 19.59 10.53
N LYS A 350 11.56 19.11 11.27
CA LYS A 350 11.42 18.83 12.73
C LYS A 350 11.03 20.13 13.45
N GLU A 351 11.66 21.26 13.11
CA GLU A 351 11.43 22.58 13.77
C GLU A 351 10.02 23.06 13.44
N PHE A 352 9.63 23.02 12.17
CA PHE A 352 8.27 23.36 11.71
C PHE A 352 7.24 22.61 12.57
N PHE A 353 7.51 21.35 12.92
CA PHE A 353 6.58 20.49 13.69
C PHE A 353 7.01 20.40 15.17
N ASN A 354 7.72 21.42 15.65
CA ASN A 354 8.03 21.64 17.10
C ASN A 354 8.70 20.40 17.68
N GLY A 355 9.68 19.84 16.98
CA GLY A 355 10.55 18.77 17.48
C GLY A 355 9.99 17.37 17.25
N LYS A 356 8.82 17.23 16.61
CA LYS A 356 8.25 15.89 16.30
C LYS A 356 9.22 15.12 15.39
N GLU A 357 9.47 13.85 15.73
CA GLU A 357 10.39 12.94 14.99
C GLU A 357 9.62 12.38 13.79
N PRO A 358 10.24 12.33 12.59
CA PRO A 358 9.65 11.60 11.46
C PRO A 358 9.76 10.07 11.64
N SER A 359 9.00 9.31 10.85
CA SER A 359 9.21 7.85 10.66
C SER A 359 10.65 7.64 10.21
N ARG A 360 11.23 6.52 10.62
CA ARG A 360 12.64 6.14 10.38
C ARG A 360 12.68 4.63 10.11
N GLY A 361 13.65 4.17 9.32
CA GLY A 361 13.93 2.73 9.16
C GLY A 361 13.94 2.30 7.70
N ILE A 362 13.26 3.02 6.81
CA ILE A 362 13.27 2.72 5.35
C ILE A 362 14.00 3.84 4.63
N ASN A 363 14.91 3.47 3.72
CA ASN A 363 15.64 4.45 2.88
C ASN A 363 14.59 5.30 2.16
N PRO A 364 14.67 6.64 2.28
CA PRO A 364 13.63 7.53 1.75
C PRO A 364 13.49 7.44 0.24
N ASP A 365 14.56 7.08 -0.49
CA ASP A 365 14.53 6.94 -1.97
C ASP A 365 14.04 5.55 -2.38
N GLU A 366 13.77 4.64 -1.42
CA GLU A 366 13.25 3.27 -1.70
C GLU A 366 11.84 3.07 -1.13
N ALA A 367 11.35 4.00 -0.31
CA ALA A 367 10.13 3.83 0.50
C ALA A 367 8.90 3.64 -0.40
N VAL A 368 8.81 4.37 -1.51
CA VAL A 368 7.66 4.28 -2.44
C VAL A 368 7.67 2.90 -3.12
N ALA A 369 8.82 2.45 -3.60
CA ALA A 369 9.00 1.10 -4.17
C ALA A 369 8.65 0.05 -3.10
N TYR A 370 9.06 0.30 -1.85
CA TYR A 370 8.85 -0.63 -0.71
C TYR A 370 7.34 -0.84 -0.52
N GLY A 371 6.59 0.25 -0.41
CA GLY A 371 5.12 0.22 -0.29
C GLY A 371 4.47 -0.46 -1.49
N ALA A 372 4.93 -0.15 -2.70
CA ALA A 372 4.42 -0.80 -3.93
C ALA A 372 4.64 -2.31 -3.80
N ALA A 373 5.81 -2.73 -3.32
CA ALA A 373 6.19 -4.15 -3.17
C ALA A 373 5.27 -4.81 -2.15
N VAL A 374 4.97 -4.14 -1.04
CA VAL A 374 4.02 -4.65 -0.01
C VAL A 374 2.67 -4.91 -0.68
N GLN A 375 2.17 -3.93 -1.44
CA GLN A 375 0.85 -3.99 -2.12
C GLN A 375 0.89 -5.13 -3.16
N ALA A 376 1.98 -5.24 -3.91
CA ALA A 376 2.22 -6.33 -4.89
C ALA A 376 2.11 -7.69 -4.19
N GLY A 377 2.71 -7.83 -2.99
CA GLY A 377 2.67 -9.03 -2.16
C GLY A 377 1.24 -9.49 -1.87
N VAL A 378 0.36 -8.55 -1.52
CA VAL A 378 -1.07 -8.79 -1.18
C VAL A 378 -1.79 -9.30 -2.43
N LEU A 379 -1.49 -8.73 -3.61
CA LEU A 379 -2.19 -9.01 -4.88
C LEU A 379 -1.66 -10.30 -5.51
N SER A 380 -0.47 -10.77 -5.14
CA SER A 380 0.07 -12.06 -5.61
C SER A 380 -0.75 -13.20 -5.01
N GLY A 381 -1.54 -12.93 -3.96
CA GLY A 381 -2.42 -13.90 -3.28
C GLY A 381 -3.74 -14.14 -4.02
N ASP A 382 -3.95 -13.46 -5.16
CA ASP A 382 -5.20 -13.51 -5.95
C ASP A 382 -5.31 -14.86 -6.68
N GLN A 383 -4.22 -15.63 -6.80
CA GLN A 383 -4.19 -16.96 -7.47
C GLN A 383 -4.20 -18.09 -6.41
N ASP A 384 -4.33 -17.75 -5.13
CA ASP A 384 -4.46 -18.74 -4.03
C ASP A 384 -5.83 -19.43 -4.14
N THR A 385 -6.02 -20.56 -3.47
CA THR A 385 -7.32 -21.29 -3.45
C THR A 385 -7.94 -21.17 -2.06
N GLY A 386 -9.25 -20.90 -2.00
CA GLY A 386 -10.06 -20.86 -0.76
C GLY A 386 -10.20 -22.22 -0.12
N ASP A 387 -9.57 -22.42 1.04
CA ASP A 387 -9.46 -23.74 1.72
C ASP A 387 -10.43 -23.77 2.91
N LEU A 388 -11.58 -23.10 2.76
CA LEU A 388 -12.66 -23.04 3.79
C LEU A 388 -13.77 -24.00 3.39
N VAL A 389 -14.35 -24.67 4.38
CA VAL A 389 -15.60 -25.47 4.23
C VAL A 389 -16.71 -24.71 4.95
N LEU A 390 -17.84 -24.45 4.28
CA LEU A 390 -19.06 -23.91 4.92
C LEU A 390 -19.61 -24.96 5.90
N LEU A 391 -19.86 -24.60 7.15
CA LEU A 391 -20.60 -25.48 8.09
C LEU A 391 -22.07 -25.12 8.05
N ASP A 392 -22.94 -26.13 8.02
N ASP A 392 -22.93 -26.14 8.04
CA ASP A 392 -24.39 -25.99 8.29
CA ASP A 392 -24.40 -26.01 8.30
C ASP A 392 -24.54 -26.13 9.81
C ASP A 392 -24.56 -26.14 9.81
N VAL A 393 -25.00 -25.07 10.49
CA VAL A 393 -25.10 -25.06 11.97
C VAL A 393 -26.47 -24.55 12.38
N CYS A 394 -26.89 -24.97 13.58
N CYS A 394 -26.96 -24.97 13.55
CA CYS A 394 -28.08 -24.50 14.34
CA CYS A 394 -28.26 -24.50 14.08
C CYS A 394 -27.93 -23.00 14.60
C CYS A 394 -28.04 -23.08 14.64
N PRO A 395 -28.84 -22.11 14.15
CA PRO A 395 -28.64 -20.68 14.43
C PRO A 395 -28.91 -20.24 15.88
N LEU A 396 -29.74 -20.99 16.60
CA LEU A 396 -30.13 -20.72 18.01
C LEU A 396 -30.09 -21.98 18.85
N THR A 397 -29.78 -21.81 20.13
CA THR A 397 -29.74 -22.90 21.15
C THR A 397 -31.15 -23.50 21.20
N LEU A 398 -31.22 -24.81 21.20
CA LEU A 398 -32.50 -25.55 21.33
C LEU A 398 -32.46 -26.31 22.65
N GLY A 399 -33.55 -26.29 23.41
CA GLY A 399 -33.58 -27.04 24.68
C GLY A 399 -34.97 -27.20 25.22
N ILE A 400 -35.05 -27.59 26.48
CA ILE A 400 -36.35 -27.81 27.16
C ILE A 400 -36.38 -27.01 28.45
N GLU A 401 -37.60 -26.80 28.93
CA GLU A 401 -37.83 -26.17 30.24
C GLU A 401 -37.64 -27.21 31.33
N THR A 402 -36.78 -26.91 32.29
CA THR A 402 -36.61 -27.71 33.52
C THR A 402 -37.17 -26.86 34.66
N VAL A 403 -37.35 -27.49 35.82
CA VAL A 403 -38.02 -26.88 37.01
C VAL A 403 -37.46 -25.46 37.23
N GLY A 404 -38.37 -24.53 37.53
CA GLY A 404 -38.07 -23.11 37.76
C GLY A 404 -38.13 -22.30 36.48
N GLY A 405 -38.63 -22.87 35.38
CA GLY A 405 -38.70 -22.16 34.09
C GLY A 405 -37.30 -21.93 33.52
N VAL A 406 -36.42 -22.91 33.71
CA VAL A 406 -34.99 -22.83 33.31
C VAL A 406 -34.85 -23.41 31.90
N MET A 407 -34.11 -22.70 31.05
CA MET A 407 -33.72 -23.15 29.69
C MET A 407 -32.55 -24.12 29.85
N THR A 408 -32.78 -25.41 29.62
CA THR A 408 -31.75 -26.47 29.64
C THR A 408 -31.44 -26.87 28.21
N LYS A 409 -30.24 -26.58 27.74
CA LYS A 409 -29.88 -26.74 26.30
C LYS A 409 -29.69 -28.23 26.00
N LEU A 410 -30.18 -28.65 24.84
CA LEU A 410 -29.89 -29.97 24.23
C LEU A 410 -28.96 -29.77 23.03
N ILE A 411 -29.22 -28.77 22.18
CA ILE A 411 -28.37 -28.46 20.99
C ILE A 411 -27.90 -27.01 21.13
N PRO A 412 -26.63 -26.79 21.52
CA PRO A 412 -26.08 -25.45 21.60
C PRO A 412 -26.14 -24.79 20.23
N ARG A 413 -26.35 -23.48 20.23
CA ARG A 413 -26.16 -22.64 19.03
C ARG A 413 -24.82 -22.98 18.38
N ASN A 414 -24.80 -23.07 17.04
CA ASN A 414 -23.59 -23.30 16.20
C ASN A 414 -23.14 -24.76 16.27
N THR A 415 -23.99 -25.65 16.75
CA THR A 415 -23.83 -27.12 16.58
C THR A 415 -23.97 -27.45 15.09
N VAL A 416 -23.07 -28.25 14.56
CA VAL A 416 -23.16 -28.72 13.14
C VAL A 416 -24.40 -29.62 13.02
N VAL A 417 -25.23 -29.37 12.00
CA VAL A 417 -26.43 -30.16 11.66
C VAL A 417 -26.16 -30.88 10.34
N PRO A 418 -26.77 -32.05 10.06
CA PRO A 418 -27.71 -32.70 10.96
C PRO A 418 -27.04 -33.24 12.24
N THR A 419 -27.82 -33.47 13.31
CA THR A 419 -27.24 -33.84 14.62
C THR A 419 -28.28 -34.62 15.43
N LYS A 420 -27.81 -35.31 16.46
CA LYS A 420 -28.64 -35.97 17.47
C LYS A 420 -27.93 -35.79 18.81
N LYS A 421 -28.57 -35.15 19.78
CA LYS A 421 -28.02 -34.87 21.13
C LYS A 421 -29.05 -35.33 22.15
N SER A 422 -28.60 -35.93 23.25
CA SER A 422 -29.50 -36.42 24.30
C SER A 422 -28.95 -36.02 25.67
N GLN A 423 -29.87 -35.81 26.61
CA GLN A 423 -29.56 -35.65 28.05
C GLN A 423 -30.53 -36.52 28.83
N ILE A 424 -30.17 -36.83 30.07
CA ILE A 424 -31.00 -37.61 31.02
C ILE A 424 -31.65 -36.62 31.97
N PHE A 425 -32.95 -36.77 32.15
CA PHE A 425 -33.81 -35.98 33.07
C PHE A 425 -34.50 -36.94 34.04
N SER A 426 -35.03 -36.38 35.12
CA SER A 426 -35.80 -37.16 36.11
C SER A 426 -36.95 -36.32 36.65
N THR A 427 -37.67 -36.91 37.60
CA THR A 427 -38.84 -36.33 38.29
C THR A 427 -38.36 -35.30 39.31
N ALA A 428 -39.18 -34.28 39.57
CA ALA A 428 -38.99 -33.27 40.63
C ALA A 428 -39.70 -33.70 41.92
N SER A 429 -40.64 -34.66 41.87
CA SER A 429 -41.44 -35.15 43.03
C SER A 429 -41.48 -36.68 43.08
N ASP A 430 -41.63 -37.25 44.27
CA ASP A 430 -41.78 -38.71 44.48
C ASP A 430 -43.00 -39.21 43.70
N ASN A 431 -42.85 -40.29 42.94
CA ASN A 431 -43.96 -40.98 42.25
C ASN A 431 -44.62 -40.05 41.21
N GLN A 432 -43.94 -38.98 40.78
CA GLN A 432 -44.41 -38.11 39.68
C GLN A 432 -44.81 -38.99 38.50
N PRO A 433 -46.09 -38.92 38.02
CA PRO A 433 -46.59 -39.79 36.95
C PRO A 433 -46.43 -39.28 35.51
N THR A 434 -46.22 -37.98 35.36
CA THR A 434 -46.21 -37.28 34.04
C THR A 434 -45.02 -36.31 33.96
N PHE A 435 -44.45 -36.18 32.76
CA PHE A 435 -43.56 -35.08 32.31
C PHE A 435 -44.28 -34.25 31.27
N THR A 436 -44.10 -32.92 31.32
CA THR A 436 -44.45 -31.98 30.24
C THR A 436 -43.14 -31.46 29.63
N ILE A 437 -42.84 -31.84 28.38
CA ILE A 437 -41.62 -31.44 27.63
C ILE A 437 -41.99 -30.22 26.79
N LYS A 438 -41.41 -29.08 27.15
CA LYS A 438 -41.61 -27.79 26.45
C LYS A 438 -40.30 -27.49 25.71
N VAL A 439 -40.40 -27.44 24.38
CA VAL A 439 -39.25 -27.28 23.46
C VAL A 439 -39.13 -25.80 23.16
N TYR A 440 -37.96 -25.23 23.49
CA TYR A 440 -37.63 -23.80 23.35
C TYR A 440 -36.41 -23.62 22.46
N GLU A 441 -36.39 -22.45 21.83
CA GLU A 441 -35.31 -21.89 20.98
C GLU A 441 -34.91 -20.53 21.57
N GLY A 442 -33.61 -20.28 21.76
CA GLY A 442 -33.14 -18.99 22.29
C GLY A 442 -31.94 -19.16 23.21
N GLU A 443 -31.29 -18.04 23.54
CA GLU A 443 -30.00 -17.99 24.27
C GLU A 443 -30.18 -17.57 25.73
N ARG A 444 -31.40 -17.19 26.13
N ARG A 444 -31.37 -17.16 26.14
CA ARG A 444 -31.68 -16.62 27.48
CA ARG A 444 -31.61 -16.59 27.50
C ARG A 444 -31.74 -17.78 28.48
C ARG A 444 -31.80 -17.73 28.49
N PRO A 445 -31.28 -17.59 29.74
CA PRO A 445 -31.29 -18.67 30.72
C PRO A 445 -32.69 -19.13 31.21
N LEU A 446 -33.71 -18.30 31.04
CA LEU A 446 -35.09 -18.62 31.50
C LEU A 446 -36.01 -18.66 30.29
N THR A 447 -36.86 -19.68 30.21
CA THR A 447 -37.65 -19.98 28.99
C THR A 447 -38.72 -18.91 28.77
N LYS A 448 -39.11 -18.14 29.79
CA LYS A 448 -40.05 -17.01 29.61
C LYS A 448 -39.49 -16.04 28.56
N ASP A 449 -38.16 -15.99 28.38
CA ASP A 449 -37.49 -15.01 27.49
C ASP A 449 -37.11 -15.69 26.17
N ASN A 450 -37.43 -16.98 26.00
CA ASN A 450 -37.08 -17.75 24.78
C ASN A 450 -38.36 -18.01 23.99
N HIS A 451 -38.22 -18.63 22.81
CA HIS A 451 -39.34 -18.87 21.85
C HIS A 451 -39.83 -20.32 21.97
N LEU A 452 -41.10 -20.53 22.34
CA LEU A 452 -41.72 -21.87 22.50
C LEU A 452 -41.99 -22.47 21.12
N LEU A 453 -41.47 -23.67 20.85
CA LEU A 453 -41.63 -24.37 19.55
C LEU A 453 -42.73 -25.43 19.63
N GLY A 454 -43.00 -25.99 20.80
CA GLY A 454 -44.05 -27.01 21.00
C GLY A 454 -43.92 -27.68 22.35
N THR A 455 -44.94 -28.44 22.72
CA THR A 455 -45.00 -29.17 24.01
C THR A 455 -45.54 -30.56 23.70
N PHE A 456 -45.16 -31.55 24.50
CA PHE A 456 -45.81 -32.88 24.54
C PHE A 456 -45.60 -33.44 25.94
N ASP A 457 -46.36 -34.48 26.26
CA ASP A 457 -46.32 -35.15 27.58
C ASP A 457 -45.64 -36.51 27.40
N LEU A 458 -45.02 -37.00 28.46
CA LEU A 458 -44.68 -38.43 28.65
C LEU A 458 -45.45 -38.91 29.88
N THR A 459 -46.43 -39.80 29.68
CA THR A 459 -47.34 -40.29 30.73
C THR A 459 -46.87 -41.67 31.19
N GLY A 460 -47.39 -42.12 32.33
CA GLY A 460 -47.21 -43.49 32.83
C GLY A 460 -45.81 -43.70 33.36
N ILE A 461 -45.22 -42.69 34.01
CA ILE A 461 -43.92 -42.84 34.71
C ILE A 461 -44.18 -43.69 35.95
N PRO A 462 -43.53 -44.87 36.08
CA PRO A 462 -43.76 -45.74 37.22
C PRO A 462 -43.34 -45.07 38.52
N PRO A 463 -43.95 -45.46 39.68
CA PRO A 463 -43.60 -44.90 40.97
C PRO A 463 -42.11 -45.10 41.31
N ALA A 464 -41.49 -44.07 41.84
CA ALA A 464 -40.10 -44.07 42.31
C ALA A 464 -39.87 -42.78 43.08
N PRO A 465 -38.87 -42.73 43.97
CA PRO A 465 -38.49 -41.48 44.63
C PRO A 465 -38.03 -40.45 43.57
N ARG A 466 -38.21 -39.15 43.83
CA ARG A 466 -37.79 -38.07 42.90
C ARG A 466 -36.31 -38.27 42.53
N GLY A 467 -35.97 -37.97 41.27
CA GLY A 467 -34.59 -38.05 40.75
C GLY A 467 -34.16 -39.46 40.38
N VAL A 468 -35.00 -40.48 40.62
CA VAL A 468 -34.59 -41.90 40.38
C VAL A 468 -34.90 -42.29 38.93
N PRO A 469 -36.11 -42.05 38.39
CA PRO A 469 -36.40 -42.41 37.00
C PRO A 469 -35.43 -41.68 36.06
N GLN A 470 -34.99 -42.37 35.00
CA GLN A 470 -34.09 -41.80 33.98
C GLN A 470 -34.87 -41.69 32.67
N ILE A 471 -35.26 -40.46 32.31
CA ILE A 471 -35.95 -40.12 31.02
C ILE A 471 -34.90 -39.50 30.12
N GLU A 472 -34.65 -40.13 28.98
CA GLU A 472 -33.69 -39.61 27.99
C GLU A 472 -34.46 -38.71 27.04
N VAL A 473 -34.08 -37.44 26.95
CA VAL A 473 -34.65 -36.51 25.97
C VAL A 473 -33.63 -36.38 24.84
N THR A 474 -34.06 -36.67 23.62
CA THR A 474 -33.25 -36.57 22.40
C THR A 474 -33.81 -35.47 21.48
N PHE A 475 -32.92 -34.58 21.04
CA PHE A 475 -33.15 -33.60 19.96
C PHE A 475 -32.38 -34.09 18.74
N GLU A 476 -33.10 -34.22 17.62
CA GLU A 476 -32.59 -34.72 16.33
C GLU A 476 -32.95 -33.68 15.27
N ILE A 477 -31.96 -33.14 14.58
CA ILE A 477 -32.15 -32.30 13.36
C ILE A 477 -31.71 -33.14 12.16
N ASP A 478 -32.64 -33.39 11.23
CA ASP A 478 -32.43 -34.29 10.07
C ASP A 478 -31.83 -33.45 8.93
N VAL A 479 -31.48 -34.09 7.82
CA VAL A 479 -30.81 -33.41 6.66
C VAL A 479 -31.72 -32.31 6.10
N ASN A 480 -33.04 -32.37 6.35
CA ASN A 480 -34.01 -31.33 5.90
C ASN A 480 -34.17 -30.22 6.96
N GLY A 481 -33.39 -30.25 8.03
CA GLY A 481 -33.42 -29.24 9.10
C GLY A 481 -34.67 -29.35 9.94
N ILE A 482 -35.37 -30.48 9.88
CA ILE A 482 -36.57 -30.76 10.71
C ILE A 482 -36.09 -31.23 12.10
N LEU A 483 -36.64 -30.61 13.14
CA LEU A 483 -36.32 -30.93 14.55
C LEU A 483 -37.36 -31.95 15.03
N ARG A 484 -36.90 -33.09 15.54
CA ARG A 484 -37.75 -34.08 16.23
C ARG A 484 -37.21 -34.24 17.65
N VAL A 485 -38.10 -34.19 18.63
CA VAL A 485 -37.77 -34.35 20.07
C VAL A 485 -38.47 -35.60 20.58
N THR A 486 -37.71 -36.49 21.19
CA THR A 486 -38.20 -37.73 21.82
C THR A 486 -37.93 -37.64 23.32
N ALA A 487 -38.88 -38.10 24.15
CA ALA A 487 -38.66 -38.41 25.58
C ALA A 487 -38.97 -39.89 25.78
N GLU A 488 -38.03 -40.62 26.37
CA GLU A 488 -38.16 -42.08 26.60
C GLU A 488 -37.76 -42.38 28.04
N ASP A 489 -38.64 -43.07 28.77
CA ASP A 489 -38.33 -43.66 30.09
C ASP A 489 -37.43 -44.86 29.85
N LYS A 490 -36.16 -44.75 30.25
CA LYS A 490 -35.15 -45.81 29.97
C LYS A 490 -35.51 -47.06 30.81
N GLY A 491 -36.24 -46.88 31.90
CA GLY A 491 -36.74 -47.99 32.75
C GLY A 491 -37.68 -48.93 32.01
N THR A 492 -38.52 -48.41 31.11
CA THR A 492 -39.71 -49.11 30.53
C THR A 492 -39.73 -49.15 29.00
N GLY A 493 -39.15 -48.16 28.31
CA GLY A 493 -39.30 -48.01 26.85
C GLY A 493 -40.54 -47.19 26.47
N ASN A 494 -41.31 -46.75 27.46
CA ASN A 494 -42.40 -45.76 27.25
C ASN A 494 -41.78 -44.50 26.62
N LYS A 495 -42.34 -44.01 25.52
CA LYS A 495 -41.78 -42.81 24.87
C LYS A 495 -42.87 -42.06 24.11
N ASN A 496 -42.58 -40.80 23.82
CA ASN A 496 -43.43 -39.90 23.02
C ASN A 496 -42.48 -38.97 22.26
N LYS A 497 -43.02 -38.32 21.23
CA LYS A 497 -42.23 -37.60 20.22
C LYS A 497 -43.06 -36.42 19.74
N ILE A 498 -42.38 -35.36 19.32
CA ILE A 498 -43.02 -34.23 18.60
C ILE A 498 -42.14 -33.96 17.38
N THR A 499 -42.77 -33.65 16.25
CA THR A 499 -42.09 -33.15 15.05
C THR A 499 -42.42 -31.67 14.98
N ILE A 500 -41.41 -30.82 14.96
CA ILE A 500 -41.57 -29.35 14.94
C ILE A 500 -41.40 -28.87 13.48
N THR A 501 -42.43 -28.23 12.94
CA THR A 501 -42.50 -27.69 11.56
C THR A 501 -42.16 -26.20 11.58
N ASN A 502 -41.68 -25.66 10.45
CA ASN A 502 -41.35 -24.22 10.26
C ASN A 502 -42.62 -23.36 10.32
N ASP A 503 -43.78 -23.92 9.97
CA ASP A 503 -45.05 -23.20 9.66
C ASP A 503 -45.57 -22.40 10.87
N GLN A 504 -45.60 -21.07 10.74
CA GLN A 504 -46.38 -20.09 11.58
C GLN A 504 -45.72 -19.82 12.93
N ASN A 505 -44.73 -20.61 13.33
CA ASN A 505 -43.95 -20.39 14.57
C ASN A 505 -42.46 -20.42 14.20
N ARG A 506 -42.13 -19.85 13.04
CA ARG A 506 -40.75 -19.55 12.58
C ARG A 506 -40.45 -18.10 12.93
N LEU A 507 -39.33 -17.84 13.63
CA LEU A 507 -38.83 -16.47 13.91
C LEU A 507 -38.31 -15.87 12.61
N THR A 508 -38.42 -14.54 12.45
CA THR A 508 -37.86 -13.78 11.31
C THR A 508 -36.36 -13.60 11.54
N PRO A 509 -35.53 -13.51 10.48
CA PRO A 509 -34.10 -13.19 10.64
C PRO A 509 -33.81 -11.94 11.49
N GLU A 510 -34.77 -10.99 11.57
CA GLU A 510 -34.68 -9.80 12.46
C GLU A 510 -34.76 -10.25 13.93
N GLU A 511 -35.70 -11.14 14.23
CA GLU A 511 -35.96 -11.69 15.59
C GLU A 511 -34.74 -12.54 16.02
N ILE A 512 -34.19 -13.34 15.10
CA ILE A 512 -33.03 -14.23 15.34
C ILE A 512 -31.81 -13.37 15.73
N GLU A 513 -31.52 -12.34 14.92
CA GLU A 513 -30.40 -11.39 15.14
C GLU A 513 -30.50 -10.84 16.57
N ARG A 514 -31.71 -10.44 16.99
CA ARG A 514 -31.96 -9.86 18.35
C ARG A 514 -31.65 -10.91 19.43
N MET A 515 -32.07 -12.17 19.21
N MET A 515 -32.03 -12.17 19.20
CA MET A 515 -31.82 -13.29 20.16
CA MET A 515 -31.81 -13.26 20.17
C MET A 515 -30.31 -13.60 20.17
C MET A 515 -30.32 -13.67 20.17
N VAL A 516 -29.66 -13.60 19.01
CA VAL A 516 -28.20 -13.89 18.88
C VAL A 516 -27.38 -12.87 19.66
N ASN A 517 -27.91 -11.65 19.86
CA ASN A 517 -27.27 -10.60 20.69
C ASN A 517 -27.02 -11.14 22.10
N ASP A 518 -27.87 -12.03 22.62
CA ASP A 518 -27.73 -12.59 24.00
C ASP A 518 -26.91 -13.90 24.01
N ALA A 519 -26.41 -14.35 22.86
CA ALA A 519 -25.49 -15.50 22.77
C ALA A 519 -24.20 -15.15 23.52
N GLU A 520 -23.52 -16.17 24.06
CA GLU A 520 -22.17 -16.09 24.68
C GLU A 520 -22.23 -15.26 25.97
N LYS A 521 -23.37 -15.23 26.65
CA LYS A 521 -23.49 -14.63 28.00
C LYS A 521 -23.29 -15.74 29.04
N PHE A 522 -23.79 -16.96 28.79
CA PHE A 522 -23.67 -18.14 29.68
C PHE A 522 -23.07 -19.32 28.90
PB ADP B . 13.02 10.96 -7.70
O1B ADP B . 12.61 10.01 -8.81
O2B ADP B . 13.97 12.05 -8.14
O3B ADP B . 11.88 11.47 -6.88
PA ADP B . 14.73 10.05 -5.42
O1A ADP B . 15.75 8.96 -5.47
O2A ADP B . 13.76 10.06 -4.28
O3A ADP B . 13.85 9.91 -6.76
O5' ADP B . 15.46 11.48 -5.48
C5' ADP B . 16.73 11.65 -6.17
C4' ADP B . 17.47 12.80 -5.56
O4' ADP B . 17.90 12.45 -4.22
C3' ADP B . 18.75 13.26 -6.30
O3' ADP B . 18.79 14.68 -6.38
C2' ADP B . 19.87 12.73 -5.39
O2' ADP B . 21.08 13.43 -5.51
C1' ADP B . 19.20 12.94 -4.03
N9 ADP B . 19.87 12.26 -2.93
C8 ADP B . 20.05 10.91 -2.78
N7 ADP B . 20.75 10.59 -1.72
C5 ADP B . 21.06 11.81 -1.13
C6 ADP B . 21.79 12.15 0.02
N6 ADP B . 22.36 11.25 0.81
N1 ADP B . 21.92 13.46 0.32
C2 ADP B . 21.35 14.35 -0.50
N3 ADP B . 20.64 14.15 -1.61
C4 ADP B . 20.53 12.85 -1.88
C1 GOL C . -33.63 -42.60 21.90
O1 GOL C . -34.65 -42.62 22.90
C2 GOL C . -34.18 -42.45 20.49
O2 GOL C . -35.12 -41.38 20.45
C3 GOL C . -33.11 -42.19 19.46
O3 GOL C . -33.65 -41.60 18.27
C1 GOL D . -30.13 -7.53 25.85
O1 GOL D . -29.28 -8.25 26.75
C2 GOL D . -31.47 -7.25 26.47
O2 GOL D . -32.16 -6.27 25.68
C3 GOL D . -32.32 -8.49 26.60
O3 GOL D . -31.67 -9.48 27.40
K K E . 12.00 7.92 -7.14
#